data_9H1S
#
_entry.id   9H1S
#
_cell.length_a   1.00
_cell.length_b   1.00
_cell.length_c   1.00
_cell.angle_alpha   90.00
_cell.angle_beta   90.00
_cell.angle_gamma   90.00
#
_symmetry.space_group_name_H-M   'P 1'
#
loop_
_entity.id
_entity.type
_entity.pdbx_description
1 polymer 'Major capsid protein'
2 non-polymer 'ZINC ION'
#
_entity_poly.entity_id   1
_entity_poly.type   'polypeptide(L)'
_entity_poly.pdbx_seq_one_letter_code
;MALVPVGMAPRQMRVNRCIFASIVSFDACITYKSPCSPDAYHDDGWFICNNHLIKRFKMSKMVLPIFDEDDNQFKMTIAR
HLVGNKERGIKRILIPSATNYQDVFNLNSMMQAEQLIFHLIYNNENAVNTICDNLKYTEGFTSNTQRVIHSVYATTKSIL
DTTNPNTFCSRVSRDELRFFDVTNARALRGGAGDQLFNNYSGFLQNLIRRAVAPEYLQIDTEELRFRNCATCIIDETGLV
ASVPDGPELYNPIRSSDIMRSQPNRLQIRNVLKFEGDTRELDRTLSGYEEYPTYVPLFLGYQIINSENNFLRNDFIPRAN
PNATLGGGAVAGPAPGVAGEAGGGIAV
;
_entity_poly.pdbx_strand_id   A,B
#
# COMPACT_ATOMS: atom_id res chain seq x y z
N ARG A 14 3.82 6.83 33.92
CA ARG A 14 4.70 7.17 32.81
C ARG A 14 5.99 6.39 32.84
N VAL A 15 6.07 5.35 32.03
CA VAL A 15 7.25 4.49 31.98
C VAL A 15 7.83 4.38 30.59
N ASN A 16 9.13 4.63 30.47
CA ASN A 16 9.80 4.49 29.20
C ASN A 16 10.02 3.03 28.96
N ARG A 17 9.37 2.50 27.95
CA ARG A 17 9.42 1.09 27.71
C ARG A 17 10.34 0.64 26.60
N CYS A 18 11.22 1.50 26.07
CA CYS A 18 12.07 0.91 25.06
C CYS A 18 13.38 0.48 25.67
N ILE A 19 13.81 -0.71 25.28
CA ILE A 19 14.96 -1.36 25.89
C ILE A 19 16.22 -0.57 25.88
N PHE A 20 16.50 0.04 24.76
CA PHE A 20 17.75 0.74 24.61
C PHE A 20 17.72 2.11 25.31
N ALA A 21 16.60 2.48 25.94
CA ALA A 21 16.55 3.70 26.71
C ALA A 21 17.34 3.54 27.99
N SER A 22 17.63 2.29 28.36
CA SER A 22 18.43 2.00 29.52
C SER A 22 19.91 2.26 29.27
N ILE A 23 20.30 2.54 28.03
CA ILE A 23 21.69 2.79 27.74
C ILE A 23 22.20 4.05 28.38
N VAL A 24 23.14 3.87 29.27
CA VAL A 24 23.85 4.93 29.93
C VAL A 24 25.30 4.55 29.86
N SER A 25 26.19 5.51 29.93
CA SER A 25 27.58 5.10 29.89
C SER A 25 27.95 4.46 31.19
N PHE A 26 28.79 3.45 31.11
CA PHE A 26 29.28 2.80 32.31
C PHE A 26 30.25 3.73 33.03
N ASP A 27 30.77 4.72 32.31
CA ASP A 27 31.59 5.73 32.93
C ASP A 27 30.63 6.77 33.46
N ALA A 28 30.43 6.77 34.77
CA ALA A 28 29.50 7.67 35.45
C ALA A 28 29.81 9.14 35.25
N CYS A 29 31.02 9.46 34.79
CA CYS A 29 31.43 10.84 34.58
C CYS A 29 30.93 11.35 33.24
N ILE A 30 30.52 10.44 32.36
CA ILE A 30 30.02 10.83 31.07
C ILE A 30 28.52 10.86 31.09
N THR A 31 27.95 12.06 31.11
CA THR A 31 26.51 12.18 31.08
C THR A 31 26.01 11.72 29.73
N TYR A 32 25.03 10.84 29.73
CA TYR A 32 24.49 10.34 28.49
C TYR A 32 23.03 10.04 28.59
N LYS A 33 22.28 10.59 27.63
CA LYS A 33 20.86 10.38 27.57
C LYS A 33 20.48 9.65 26.30
N SER A 34 20.11 8.38 26.43
CA SER A 34 19.67 7.63 25.26
C SER A 34 18.35 8.23 24.79
N PRO A 35 18.29 8.74 23.57
CA PRO A 35 17.15 9.40 22.96
C PRO A 35 16.11 8.41 22.50
N CYS A 36 14.86 8.75 22.70
CA CYS A 36 13.75 7.93 22.24
C CYS A 36 12.53 8.74 21.89
N SER A 37 11.70 8.14 21.07
CA SER A 37 10.45 8.71 20.67
C SER A 37 9.49 8.67 21.84
N PRO A 38 8.59 9.65 21.95
CA PRO A 38 7.48 9.75 22.88
C PRO A 38 6.63 8.48 22.92
N ASP A 39 6.70 7.65 21.87
CA ASP A 39 5.96 6.41 21.84
C ASP A 39 6.51 5.38 22.83
N ALA A 40 7.63 5.68 23.48
CA ALA A 40 8.20 4.82 24.49
C ALA A 40 7.33 4.81 25.73
N TYR A 41 6.44 5.80 25.83
CA TYR A 41 5.57 5.89 26.97
C TYR A 41 4.19 5.39 26.63
N HIS A 42 4.06 4.73 25.48
CA HIS A 42 2.78 4.17 25.11
C HIS A 42 2.79 2.72 25.53
N ASP A 43 1.80 2.34 26.31
CA ASP A 43 1.74 0.99 26.79
C ASP A 43 1.18 0.08 25.73
N ASP A 44 2.07 -0.47 24.91
CA ASP A 44 1.65 -1.37 23.87
C ASP A 44 2.67 -2.48 23.68
N GLY A 45 2.53 -3.23 22.59
CA GLY A 45 3.38 -4.39 22.36
C GLY A 45 4.79 -4.05 21.90
N TRP A 46 5.08 -2.79 21.66
CA TRP A 46 6.42 -2.47 21.25
C TRP A 46 7.28 -2.25 22.49
N PHE A 47 8.40 -2.96 22.58
CA PHE A 47 9.33 -2.74 23.68
C PHE A 47 10.62 -2.16 23.15
N ILE A 48 10.44 -1.41 22.08
CA ILE A 48 11.46 -0.70 21.38
C ILE A 48 10.76 0.54 20.91
N CYS A 49 11.44 1.66 20.97
CA CYS A 49 10.82 2.90 20.56
C CYS A 49 11.25 3.20 19.15
N ASN A 50 10.43 3.96 18.42
CA ASN A 50 10.63 4.16 17.00
C ASN A 50 12.02 4.63 16.67
N ASN A 51 12.59 5.51 17.49
CA ASN A 51 13.92 6.01 17.22
C ASN A 51 14.95 4.89 17.26
N HIS A 52 14.77 3.90 18.13
CA HIS A 52 15.73 2.83 18.21
C HIS A 52 15.56 1.89 17.05
N LEU A 53 14.29 1.63 16.73
CA LEU A 53 13.88 0.72 15.69
C LEU A 53 14.45 1.16 14.36
N ILE A 54 14.38 2.45 14.12
CA ILE A 54 14.97 3.06 12.94
C ILE A 54 16.46 2.88 12.94
N LYS A 55 17.09 3.24 14.06
CA LYS A 55 18.53 3.22 14.16
C LYS A 55 19.17 1.84 14.22
N ARG A 56 18.42 0.80 14.56
CA ARG A 56 19.07 -0.48 14.67
C ARG A 56 18.45 -1.59 13.87
N PHE A 57 17.16 -1.50 13.57
CA PHE A 57 16.59 -2.56 12.78
C PHE A 57 16.05 -2.07 11.46
N LYS A 58 16.44 -0.85 11.09
CA LYS A 58 16.02 -0.27 9.82
C LYS A 58 14.51 -0.31 9.60
N MET A 59 13.74 -0.05 10.66
CA MET A 59 12.30 -0.05 10.50
C MET A 59 11.60 1.12 11.12
N SER A 60 10.44 1.42 10.58
CA SER A 60 9.63 2.48 11.13
C SER A 60 8.29 1.94 11.51
N LYS A 61 7.78 2.38 12.65
CA LYS A 61 6.50 1.92 13.13
C LYS A 61 5.38 2.48 12.32
N MET A 62 4.31 1.71 12.23
CA MET A 62 3.17 2.09 11.43
C MET A 62 1.92 1.37 11.91
N VAL A 63 0.76 1.89 11.61
CA VAL A 63 -0.48 1.23 11.97
C VAL A 63 -1.32 0.88 10.79
N LEU A 64 -1.83 -0.32 10.81
CA LEU A 64 -2.70 -0.83 9.77
C LEU A 64 -4.13 -0.95 10.32
N PRO A 65 -4.98 0.07 10.10
CA PRO A 65 -6.36 0.18 10.52
C PRO A 65 -7.23 -0.71 9.67
N ILE A 66 -7.59 -1.86 10.19
CA ILE A 66 -8.42 -2.77 9.45
C ILE A 66 -9.86 -2.33 9.51
N PHE A 67 -10.43 -2.06 8.37
CA PHE A 67 -11.80 -1.60 8.33
C PHE A 67 -12.74 -2.66 7.89
N ASP A 68 -13.96 -2.52 8.38
CA ASP A 68 -15.04 -3.37 8.00
C ASP A 68 -15.75 -2.69 6.84
N GLU A 69 -16.80 -3.30 6.34
CA GLU A 69 -17.63 -2.77 5.31
C GLU A 69 -18.65 -1.87 5.96
N ASP A 70 -18.99 -2.21 7.19
CA ASP A 70 -19.86 -1.36 7.98
C ASP A 70 -18.97 -0.33 8.70
N ASP A 71 -19.51 0.37 9.68
CA ASP A 71 -18.77 1.41 10.39
C ASP A 71 -17.78 0.93 11.48
N ASN A 72 -17.59 -0.38 11.60
CA ASN A 72 -16.67 -0.93 12.57
C ASN A 72 -15.27 -1.08 11.98
N GLN A 73 -14.29 -1.14 12.87
CA GLN A 73 -12.89 -1.29 12.49
C GLN A 73 -12.01 -1.47 13.71
N PHE A 74 -10.76 -1.87 13.48
CA PHE A 74 -9.78 -2.01 14.56
C PHE A 74 -8.39 -1.86 14.00
N LYS A 75 -7.44 -1.54 14.86
CA LYS A 75 -6.10 -1.31 14.38
C LYS A 75 -5.11 -2.40 14.75
N MET A 76 -4.20 -2.67 13.83
CA MET A 76 -3.14 -3.66 13.98
C MET A 76 -1.80 -3.02 13.67
N THR A 77 -0.76 -3.32 14.44
CA THR A 77 0.51 -2.66 14.17
C THR A 77 1.25 -3.31 13.02
N ILE A 78 2.18 -2.55 12.46
CA ILE A 78 3.02 -3.01 11.36
C ILE A 78 4.21 -2.09 11.21
N ALA A 79 5.30 -2.59 10.69
CA ALA A 79 6.42 -1.70 10.44
C ALA A 79 6.72 -1.69 8.95
N ARG A 80 7.64 -0.83 8.55
CA ARG A 80 8.01 -0.74 7.15
C ARG A 80 9.51 -0.64 7.00
N HIS A 81 10.00 -1.03 5.83
CA HIS A 81 11.42 -1.04 5.59
C HIS A 81 12.01 0.33 5.47
N LEU A 82 13.22 0.48 6.02
CA LEU A 82 14.02 1.65 5.79
C LEU A 82 15.24 1.17 5.05
N VAL A 83 15.00 0.22 4.17
CA VAL A 83 16.02 -0.43 3.38
C VAL A 83 15.88 0.03 1.95
N GLY A 84 16.96 0.52 1.38
CA GLY A 84 16.92 1.08 0.04
C GLY A 84 16.83 0.02 -1.03
N ASN A 85 16.75 0.48 -2.27
CA ASN A 85 16.66 -0.39 -3.42
C ASN A 85 17.98 -1.02 -3.80
N LYS A 86 19.07 -0.33 -3.50
CA LYS A 86 20.39 -0.76 -3.91
C LYS A 86 21.15 -1.52 -2.84
N GLU A 87 20.56 -1.69 -1.67
CA GLU A 87 21.25 -2.41 -0.60
C GLU A 87 21.28 -3.89 -0.90
N ARG A 88 22.37 -4.55 -0.53
CA ARG A 88 22.51 -5.97 -0.85
C ARG A 88 23.14 -6.80 0.26
N GLY A 89 22.85 -8.10 0.22
CA GLY A 89 23.46 -9.08 1.11
C GLY A 89 23.13 -8.82 2.56
N ILE A 90 24.17 -8.58 3.34
CA ILE A 90 24.07 -8.30 4.76
C ILE A 90 23.19 -7.12 5.05
N LYS A 91 23.21 -6.13 4.16
CA LYS A 91 22.43 -4.93 4.35
C LYS A 91 20.93 -5.21 4.36
N ARG A 92 20.51 -6.34 3.79
CA ARG A 92 19.13 -6.74 3.73
C ARG A 92 18.71 -7.45 5.01
N ILE A 93 19.63 -7.76 5.89
CA ILE A 93 19.21 -8.43 7.07
C ILE A 93 18.59 -7.41 7.98
N LEU A 94 17.27 -7.46 8.03
CA LEU A 94 16.49 -6.50 8.77
C LEU A 94 16.58 -6.80 10.27
N ILE A 95 16.42 -8.07 10.64
CA ILE A 95 16.65 -8.52 12.02
C ILE A 95 17.47 -9.78 11.99
N PRO A 96 18.74 -9.75 12.34
CA PRO A 96 19.66 -10.85 12.29
C PRO A 96 19.42 -11.88 13.33
N SER A 97 19.81 -13.11 13.01
CA SER A 97 19.70 -14.21 13.94
C SER A 97 20.81 -14.12 14.96
N ALA A 98 20.75 -15.00 15.94
CA ALA A 98 21.76 -15.07 16.98
C ALA A 98 23.08 -15.61 16.44
N THR A 99 23.09 -16.12 15.21
CA THR A 99 24.29 -16.65 14.63
C THR A 99 25.03 -15.61 13.80
N ASN A 100 24.43 -14.46 13.58
CA ASN A 100 25.11 -13.47 12.74
C ASN A 100 24.91 -12.02 13.15
N TYR A 101 24.17 -11.76 14.23
CA TYR A 101 23.96 -10.39 14.69
C TYR A 101 25.26 -9.66 14.99
N GLN A 102 26.32 -10.40 15.30
CA GLN A 102 27.62 -9.80 15.58
C GLN A 102 28.31 -9.30 14.32
N ASP A 103 27.86 -9.78 13.16
CA ASP A 103 28.40 -9.37 11.89
C ASP A 103 27.56 -8.24 11.34
N VAL A 104 26.26 -8.31 11.62
CA VAL A 104 25.33 -7.30 11.20
C VAL A 104 25.48 -6.03 12.01
N PHE A 105 25.50 -6.17 13.31
CA PHE A 105 25.71 -5.01 14.16
C PHE A 105 27.15 -4.84 14.50
N ASN A 106 27.69 -3.66 14.21
CA ASN A 106 29.07 -3.42 14.59
C ASN A 106 29.11 -3.04 16.04
N LEU A 107 29.11 -4.05 16.88
CA LEU A 107 29.05 -3.91 18.31
C LEU A 107 30.24 -3.16 18.87
N ASN A 108 31.37 -3.29 18.21
CA ASN A 108 32.56 -2.60 18.65
C ASN A 108 32.46 -1.08 18.49
N SER A 109 31.56 -0.63 17.62
CA SER A 109 31.39 0.79 17.38
C SER A 109 30.35 1.43 18.29
N MET A 110 29.77 0.66 19.20
CA MET A 110 28.74 1.22 20.05
C MET A 110 29.07 1.06 21.53
N MET A 111 28.28 1.72 22.36
CA MET A 111 28.49 1.75 23.80
C MET A 111 28.33 0.37 24.38
N GLN A 112 29.08 0.09 25.44
CA GLN A 112 29.04 -1.24 26.03
C GLN A 112 27.71 -1.55 26.67
N ALA A 113 27.01 -0.52 27.12
CA ALA A 113 25.67 -0.73 27.65
C ALA A 113 24.78 -1.25 26.56
N GLU A 114 24.96 -0.73 25.36
CA GLU A 114 24.18 -1.18 24.23
C GLU A 114 24.59 -2.58 23.82
N GLN A 115 25.90 -2.83 23.82
CA GLN A 115 26.42 -4.14 23.46
C GLN A 115 25.81 -5.19 24.35
N LEU A 116 25.84 -4.90 25.65
CA LEU A 116 25.27 -5.74 26.68
C LEU A 116 23.86 -6.10 26.33
N ILE A 117 23.06 -5.09 26.03
CA ILE A 117 21.68 -5.29 25.68
C ILE A 117 21.49 -6.22 24.52
N PHE A 118 22.28 -6.06 23.47
CA PHE A 118 22.14 -6.97 22.34
C PHE A 118 22.48 -8.38 22.72
N HIS A 119 23.46 -8.55 23.58
CA HIS A 119 23.82 -9.89 23.96
C HIS A 119 22.72 -10.48 24.82
N LEU A 120 22.05 -9.65 25.59
CA LEU A 120 20.94 -10.15 26.38
C LEU A 120 19.79 -10.56 25.46
N ILE A 121 19.53 -9.73 24.45
CA ILE A 121 18.49 -10.01 23.45
C ILE A 121 18.74 -11.29 22.70
N TYR A 122 20.00 -11.57 22.39
CA TYR A 122 20.37 -12.78 21.68
C TYR A 122 20.93 -13.87 22.60
N ASN A 123 20.76 -13.71 23.90
CA ASN A 123 21.19 -14.70 24.89
C ASN A 123 22.67 -15.06 24.85
N ASN A 124 23.53 -14.12 24.48
CA ASN A 124 24.94 -14.43 24.44
C ASN A 124 25.58 -14.14 25.77
N GLU A 125 25.40 -15.06 26.68
CA GLU A 125 25.89 -14.94 28.04
C GLU A 125 27.40 -14.88 28.13
N ASN A 126 28.08 -15.52 27.19
CA ASN A 126 29.52 -15.48 27.19
C ASN A 126 30.01 -14.07 27.00
N ALA A 127 29.37 -13.36 26.06
CA ALA A 127 29.71 -11.98 25.80
C ALA A 127 29.29 -11.10 26.95
N VAL A 128 28.15 -11.39 27.54
CA VAL A 128 27.67 -10.66 28.70
C VAL A 128 28.70 -10.72 29.82
N ASN A 129 29.19 -11.93 30.07
CA ASN A 129 30.20 -12.14 31.08
C ASN A 129 31.52 -11.50 30.70
N THR A 130 31.83 -11.50 29.42
CA THR A 130 33.05 -10.88 28.93
C THR A 130 33.05 -9.40 29.23
N ILE A 131 31.91 -8.75 29.03
CA ILE A 131 31.77 -7.33 29.33
C ILE A 131 32.02 -7.09 30.79
N CYS A 132 31.37 -7.89 31.64
CA CYS A 132 31.57 -7.83 33.07
C CYS A 132 33.05 -7.91 33.43
N ASP A 133 33.71 -8.94 32.92
CA ASP A 133 35.12 -9.17 33.17
C ASP A 133 36.01 -8.03 32.71
N ASN A 134 35.70 -7.42 31.60
CA ASN A 134 36.52 -6.32 31.16
C ASN A 134 36.36 -5.11 32.04
N LEU A 135 35.16 -4.90 32.56
CA LEU A 135 34.87 -3.73 33.36
C LEU A 135 35.19 -3.85 34.84
N LYS A 136 35.27 -5.06 35.37
CA LYS A 136 35.53 -5.26 36.79
C LYS A 136 36.91 -4.77 37.26
N TYR A 137 37.81 -4.48 36.34
CA TYR A 137 39.12 -3.97 36.70
C TYR A 137 39.18 -2.46 36.78
N THR A 138 38.04 -1.80 36.56
CA THR A 138 37.97 -0.36 36.68
C THR A 138 38.25 0.03 38.10
N GLU A 139 39.12 1.01 38.29
CA GLU A 139 39.52 1.45 39.62
C GLU A 139 38.31 1.82 40.49
N GLY A 140 37.32 2.48 39.89
CA GLY A 140 36.09 2.86 40.60
C GLY A 140 34.92 1.91 40.25
N PHE A 141 35.23 0.65 39.95
CA PHE A 141 34.24 -0.34 39.59
C PHE A 141 33.27 -0.64 40.70
N THR A 142 33.79 -0.99 41.86
CA THR A 142 32.92 -1.35 42.95
C THR A 142 32.20 -0.16 43.49
N SER A 143 32.80 1.02 43.31
CA SER A 143 32.20 2.26 43.76
C SER A 143 30.93 2.59 43.00
N ASN A 144 31.03 2.71 41.67
CA ASN A 144 29.87 3.10 40.90
C ASN A 144 29.58 2.28 39.65
N THR A 145 30.61 1.83 38.96
CA THR A 145 30.38 1.18 37.66
C THR A 145 29.57 -0.10 37.79
N GLN A 146 29.91 -0.91 38.77
CA GLN A 146 29.24 -2.16 39.05
C GLN A 146 27.74 -1.98 39.13
N ARG A 147 27.33 -1.01 39.94
CA ARG A 147 25.94 -0.70 40.17
C ARG A 147 25.23 -0.31 38.90
N VAL A 148 25.85 0.58 38.14
CA VAL A 148 25.29 1.05 36.89
C VAL A 148 25.09 -0.06 35.90
N ILE A 149 26.09 -0.91 35.76
CA ILE A 149 26.01 -2.00 34.82
C ILE A 149 24.88 -2.91 35.16
N HIS A 150 24.83 -3.29 36.43
CA HIS A 150 23.82 -4.18 36.92
C HIS A 150 22.43 -3.61 36.70
N SER A 151 22.26 -2.31 36.97
CA SER A 151 20.99 -1.65 36.76
C SER A 151 20.48 -1.81 35.34
N VAL A 152 21.38 -1.57 34.38
CA VAL A 152 21.04 -1.71 32.97
C VAL A 152 20.62 -3.13 32.66
N TYR A 153 21.41 -4.07 33.16
CA TYR A 153 21.15 -5.48 32.99
C TYR A 153 19.80 -5.89 33.50
N ALA A 154 19.51 -5.52 34.73
CA ALA A 154 18.28 -5.88 35.38
C ALA A 154 17.08 -5.32 34.65
N THR A 155 17.18 -4.07 34.21
CA THR A 155 16.10 -3.44 33.49
C THR A 155 15.81 -4.17 32.20
N THR A 156 16.87 -4.51 31.49
CA THR A 156 16.74 -5.22 30.24
C THR A 156 16.10 -6.56 30.45
N LYS A 157 16.57 -7.28 31.48
CA LYS A 157 16.03 -8.59 31.81
C LYS A 157 14.57 -8.52 32.15
N SER A 158 14.14 -7.46 32.83
CA SER A 158 12.74 -7.30 33.16
C SER A 158 11.90 -7.31 31.90
N ILE A 159 12.33 -6.54 30.90
CA ILE A 159 11.62 -6.49 29.64
C ILE A 159 11.68 -7.81 28.91
N LEU A 160 12.84 -8.43 28.87
CA LEU A 160 12.99 -9.68 28.16
C LEU A 160 12.09 -10.75 28.74
N ASP A 161 12.01 -10.79 30.07
CA ASP A 161 11.16 -11.76 30.74
C ASP A 161 9.70 -11.45 30.50
N THR A 162 9.36 -10.17 30.42
CA THR A 162 8.00 -9.76 30.13
C THR A 162 7.54 -10.31 28.81
N THR A 163 8.40 -10.25 27.80
CA THR A 163 8.04 -10.74 26.48
C THR A 163 8.22 -12.24 26.32
N ASN A 164 9.06 -12.84 27.14
CA ASN A 164 9.31 -14.26 27.04
C ASN A 164 8.14 -15.09 27.61
N PRO A 165 7.51 -15.93 26.79
CA PRO A 165 6.38 -16.79 27.10
C PRO A 165 6.75 -17.99 27.96
N ASN A 166 8.04 -18.25 28.11
CA ASN A 166 8.48 -19.42 28.85
C ASN A 166 9.10 -19.09 30.20
N THR A 167 8.70 -17.98 30.81
CA THR A 167 9.24 -17.64 32.12
C THR A 167 8.21 -17.90 33.19
N PHE A 168 8.65 -17.72 34.43
CA PHE A 168 7.83 -17.94 35.60
C PHE A 168 6.57 -17.11 35.56
N CYS A 169 5.42 -17.78 35.58
CA CYS A 169 4.11 -17.16 35.51
C CYS A 169 3.91 -16.29 34.28
N SER A 170 4.58 -16.63 33.19
CA SER A 170 4.38 -15.86 31.99
C SER A 170 3.06 -16.27 31.36
N ARG A 171 2.17 -15.30 31.21
CA ARG A 171 0.87 -15.59 30.62
C ARG A 171 1.05 -15.73 29.12
N VAL A 172 0.47 -16.77 28.55
CA VAL A 172 0.64 -16.98 27.12
C VAL A 172 -0.67 -17.30 26.42
N SER A 173 -0.94 -16.58 25.35
CA SER A 173 -2.15 -16.90 24.60
C SER A 173 -1.85 -17.93 23.53
N ARG A 174 -2.68 -18.96 23.51
CA ARG A 174 -2.60 -19.99 22.52
C ARG A 174 -3.85 -19.96 21.65
N ASP A 175 -4.54 -18.82 21.66
CA ASP A 175 -5.78 -18.69 20.91
C ASP A 175 -5.56 -18.14 19.53
N GLU A 176 -4.35 -17.67 19.30
CA GLU A 176 -3.98 -17.07 18.05
C GLU A 176 -2.78 -17.75 17.46
N LEU A 177 -2.86 -18.05 16.18
CA LEU A 177 -1.75 -18.69 15.53
C LEU A 177 -1.09 -17.75 14.57
N ARG A 178 0.20 -17.93 14.39
CA ARG A 178 0.92 -17.09 13.46
C ARG A 178 1.95 -17.88 12.73
N PHE A 179 1.78 -17.98 11.43
CA PHE A 179 2.70 -18.76 10.65
C PHE A 179 3.36 -17.92 9.60
N PHE A 180 4.59 -18.26 9.28
CA PHE A 180 5.34 -17.59 8.25
C PHE A 180 5.56 -18.52 7.06
N ASP A 181 4.58 -19.39 6.85
CA ASP A 181 4.54 -20.35 5.76
C ASP A 181 3.11 -20.73 5.42
N VAL A 182 2.46 -19.89 4.62
CA VAL A 182 1.06 -20.03 4.25
C VAL A 182 0.66 -21.41 3.75
N THR A 183 1.53 -22.06 2.98
CA THR A 183 1.20 -23.34 2.36
C THR A 183 1.02 -24.45 3.37
N ASN A 184 1.64 -24.31 4.52
CA ASN A 184 1.53 -25.29 5.57
C ASN A 184 0.78 -24.71 6.76
N ALA A 185 0.62 -23.39 6.74
CA ALA A 185 -0.12 -22.65 7.75
C ALA A 185 -1.58 -23.00 7.69
N ARG A 186 -2.08 -23.21 6.47
CA ARG A 186 -3.46 -23.61 6.28
C ARG A 186 -3.77 -24.95 6.92
N ALA A 187 -2.75 -25.81 7.01
CA ALA A 187 -2.85 -27.10 7.67
C ALA A 187 -2.55 -27.00 9.17
N LEU A 188 -2.33 -25.78 9.66
CA LEU A 188 -2.02 -25.48 11.05
C LEU A 188 -0.73 -26.13 11.48
N ARG A 189 0.26 -26.12 10.60
CA ARG A 189 1.53 -26.74 10.91
C ARG A 189 2.69 -25.79 10.75
N GLY A 190 2.70 -25.05 9.66
CA GLY A 190 3.78 -24.12 9.38
C GLY A 190 4.98 -24.84 8.76
N GLY A 191 6.10 -24.14 8.67
CA GLY A 191 7.30 -24.73 8.06
C GLY A 191 8.60 -24.27 8.71
N ALA A 192 9.68 -24.28 7.92
CA ALA A 192 11.01 -23.94 8.39
C ALA A 192 11.08 -22.54 8.94
N GLY A 193 10.34 -21.60 8.35
CA GLY A 193 10.34 -20.22 8.81
C GLY A 193 9.72 -20.09 10.20
N ASP A 194 8.94 -21.07 10.60
CA ASP A 194 8.29 -21.05 11.89
C ASP A 194 9.20 -21.68 12.90
N GLN A 195 9.99 -22.64 12.45
CA GLN A 195 11.00 -23.25 13.29
C GLN A 195 12.03 -22.19 13.64
N LEU A 196 12.41 -21.44 12.61
CA LEU A 196 13.36 -20.37 12.76
C LEU A 196 12.80 -19.31 13.66
N PHE A 197 11.52 -18.98 13.48
CA PHE A 197 10.85 -18.02 14.33
C PHE A 197 10.93 -18.44 15.78
N ASN A 198 10.67 -19.70 16.05
CA ASN A 198 10.71 -20.22 17.41
C ASN A 198 12.10 -20.11 18.02
N ASN A 199 13.13 -20.15 17.20
CA ASN A 199 14.50 -20.02 17.68
C ASN A 199 14.90 -18.62 18.16
N TYR A 200 14.03 -17.62 18.02
CA TYR A 200 14.38 -16.28 18.49
C TYR A 200 13.99 -16.07 19.92
N SER A 201 14.58 -15.06 20.56
CA SER A 201 14.24 -14.77 21.94
C SER A 201 12.84 -14.23 22.00
N GLY A 202 12.24 -14.26 23.18
CA GLY A 202 10.86 -13.81 23.36
C GLY A 202 10.67 -12.42 22.84
N PHE A 203 11.61 -11.54 23.17
CA PHE A 203 11.59 -10.19 22.68
C PHE A 203 11.61 -10.13 21.18
N LEU A 204 12.54 -10.84 20.57
CA LEU A 204 12.65 -10.80 19.13
C LEU A 204 11.44 -11.38 18.46
N GLN A 205 10.84 -12.42 19.04
CA GLN A 205 9.66 -12.99 18.45
C GLN A 205 8.53 -11.99 18.50
N ASN A 206 8.39 -11.31 19.63
CA ASN A 206 7.38 -10.27 19.75
C ASN A 206 7.62 -9.16 18.76
N LEU A 207 8.87 -8.74 18.63
CA LEU A 207 9.22 -7.67 17.71
C LEU A 207 8.73 -8.00 16.31
N ILE A 208 9.02 -9.22 15.87
CA ILE A 208 8.57 -9.68 14.57
C ILE A 208 7.06 -9.71 14.49
N ARG A 209 6.40 -10.18 15.53
CA ARG A 209 4.94 -10.20 15.53
C ARG A 209 4.33 -8.81 15.41
N ARG A 210 4.96 -7.82 16.00
CA ARG A 210 4.42 -6.47 15.98
C ARG A 210 4.73 -5.76 14.69
N ALA A 211 5.86 -6.10 14.08
CA ALA A 211 6.30 -5.46 12.86
C ALA A 211 5.78 -6.12 11.60
N VAL A 212 5.69 -7.44 11.58
CA VAL A 212 5.29 -8.11 10.37
C VAL A 212 3.84 -8.57 10.39
N ALA A 213 3.07 -8.01 9.47
CA ALA A 213 1.69 -8.37 9.29
C ALA A 213 1.64 -9.58 8.40
N PRO A 214 0.63 -10.41 8.50
CA PRO A 214 0.40 -11.59 7.72
C PRO A 214 -0.18 -11.19 6.38
N GLU A 215 0.02 -12.02 5.38
CA GLU A 215 -0.59 -11.79 4.09
C GLU A 215 -2.07 -12.07 4.21
N TYR A 216 -2.38 -13.08 5.03
CA TYR A 216 -3.74 -13.51 5.26
C TYR A 216 -4.13 -13.44 6.73
N LEU A 217 -5.37 -13.10 6.99
CA LEU A 217 -5.88 -13.11 8.35
C LEU A 217 -7.19 -13.85 8.43
N GLN A 218 -7.21 -14.94 9.15
CA GLN A 218 -8.45 -15.67 9.28
C GLN A 218 -9.07 -15.43 10.62
N ILE A 219 -10.24 -14.86 10.60
CA ILE A 219 -10.95 -14.61 11.83
C ILE A 219 -12.11 -15.55 11.80
N ASP A 220 -12.17 -16.45 12.76
CA ASP A 220 -13.22 -17.44 12.76
C ASP A 220 -13.01 -18.30 11.52
N THR A 221 -13.75 -18.01 10.46
CA THR A 221 -13.61 -18.74 9.23
C THR A 221 -13.25 -17.84 8.05
N GLU A 222 -13.72 -16.59 8.10
CA GLU A 222 -13.46 -15.63 7.03
C GLU A 222 -11.99 -15.30 6.86
N GLU A 223 -11.49 -15.49 5.66
CA GLU A 223 -10.10 -15.21 5.35
C GLU A 223 -9.94 -13.88 4.65
N LEU A 224 -9.21 -12.98 5.28
CA LEU A 224 -8.94 -11.66 4.75
C LEU A 224 -7.57 -11.60 4.14
N ARG A 225 -7.49 -11.58 2.83
CA ARG A 225 -6.17 -11.49 2.21
C ARG A 225 -5.82 -10.02 2.13
N PHE A 226 -4.89 -9.59 2.96
CA PHE A 226 -4.53 -8.19 2.97
C PHE A 226 -3.57 -7.85 1.87
N ARG A 227 -2.78 -8.82 1.49
CA ARG A 227 -1.88 -8.59 0.40
C ARG A 227 -1.61 -9.90 -0.27
N ASN A 228 -1.48 -9.85 -1.58
CA ASN A 228 -1.24 -11.04 -2.35
C ASN A 228 0.21 -11.16 -2.68
N CYS A 229 1.08 -10.72 -1.79
CA CYS A 229 2.47 -10.70 -2.19
C CYS A 229 3.36 -10.37 -1.00
N ALA A 230 4.34 -11.23 -0.70
CA ALA A 230 5.23 -10.99 0.44
C ALA A 230 6.16 -9.83 0.19
N THR A 231 6.50 -9.11 1.25
CA THR A 231 7.42 -7.98 1.12
C THR A 231 8.73 -8.25 1.86
N CYS A 232 8.81 -9.39 2.52
CA CYS A 232 9.97 -9.76 3.29
C CYS A 232 9.95 -11.24 3.61
N ILE A 233 11.09 -11.79 4.00
CA ILE A 233 11.19 -13.21 4.29
C ILE A 233 11.95 -13.49 5.56
N ILE A 234 11.80 -14.70 6.08
CA ILE A 234 12.56 -15.14 7.24
C ILE A 234 13.38 -16.35 6.88
N ASP A 235 14.67 -16.29 7.14
CA ASP A 235 15.53 -17.41 6.84
C ASP A 235 16.62 -17.52 7.88
N GLU A 236 17.62 -18.36 7.63
CA GLU A 236 18.68 -18.61 8.60
C GLU A 236 19.56 -17.42 8.92
N THR A 237 19.45 -16.32 8.18
CA THR A 237 20.25 -15.16 8.47
C THR A 237 19.46 -14.17 9.31
N GLY A 238 18.14 -14.35 9.33
CA GLY A 238 17.27 -13.45 10.06
C GLY A 238 16.06 -13.02 9.25
N LEU A 239 15.44 -11.94 9.69
CA LEU A 239 14.36 -11.32 8.96
C LEU A 239 15.03 -10.52 7.89
N VAL A 240 14.72 -10.84 6.64
CA VAL A 240 15.39 -10.19 5.53
C VAL A 240 14.47 -9.34 4.70
N ALA A 241 14.92 -8.12 4.46
CA ALA A 241 14.21 -7.15 3.68
C ALA A 241 14.37 -7.42 2.21
N SER A 242 13.72 -8.48 1.74
CA SER A 242 13.91 -8.87 0.36
C SER A 242 12.70 -9.44 -0.30
N VAL A 243 12.65 -9.23 -1.60
CA VAL A 243 11.57 -9.66 -2.44
C VAL A 243 11.83 -11.07 -2.97
N PRO A 244 11.01 -12.04 -2.58
CA PRO A 244 11.10 -13.47 -2.86
C PRO A 244 10.83 -13.88 -4.30
N ASP A 245 10.53 -12.92 -5.16
CA ASP A 245 10.19 -13.24 -6.53
C ASP A 245 10.99 -12.45 -7.55
N GLY A 246 11.99 -11.68 -7.12
CA GLY A 246 12.73 -10.92 -8.12
C GLY A 246 13.37 -9.64 -7.58
N PRO A 247 13.46 -8.60 -8.42
CA PRO A 247 14.01 -7.27 -8.18
C PRO A 247 13.41 -6.62 -6.95
N GLU A 248 14.26 -5.94 -6.21
CA GLU A 248 13.83 -5.29 -4.99
C GLU A 248 12.95 -4.11 -5.26
N LEU A 249 12.06 -3.84 -4.32
CA LEU A 249 11.15 -2.73 -4.44
C LEU A 249 11.85 -1.42 -4.22
N TYR A 250 11.42 -0.42 -4.95
CA TYR A 250 11.96 0.91 -4.80
C TYR A 250 11.58 1.46 -3.45
N ASN A 251 12.55 1.94 -2.72
CA ASN A 251 12.27 2.48 -1.42
C ASN A 251 13.17 3.70 -1.17
N PRO A 252 12.65 4.90 -1.32
CA PRO A 252 13.30 6.18 -1.17
C PRO A 252 13.60 6.48 0.28
N ILE A 253 14.85 6.25 0.69
CA ILE A 253 15.17 6.48 2.09
C ILE A 253 15.53 7.91 2.31
N ARG A 254 14.48 8.70 2.48
CA ARG A 254 14.55 10.13 2.67
C ARG A 254 14.85 10.54 4.08
N SER A 255 15.21 11.80 4.24
CA SER A 255 15.49 12.36 5.55
C SER A 255 14.21 12.54 6.35
N SER A 256 14.38 12.92 7.61
CA SER A 256 13.31 13.10 8.62
C SER A 256 13.11 11.80 9.41
N ASP A 257 13.79 10.74 8.99
CA ASP A 257 13.82 9.49 9.71
C ASP A 257 15.24 8.95 9.60
N ILE A 258 16.18 9.88 9.39
CA ILE A 258 17.61 9.62 9.30
C ILE A 258 18.33 10.55 10.25
N MET A 259 19.20 10.00 11.09
CA MET A 259 19.92 10.85 12.01
C MET A 259 21.42 10.57 12.06
N ARG A 260 22.21 11.64 11.97
CA ARG A 260 23.65 11.56 12.07
C ARG A 260 24.06 11.40 13.53
N SER A 261 23.80 10.21 14.07
CA SER A 261 24.08 9.87 15.45
C SER A 261 25.56 9.82 15.76
N GLN A 262 26.40 9.68 14.73
CA GLN A 262 27.85 9.76 14.90
C GLN A 262 28.39 10.92 14.09
N PRO A 263 28.41 12.14 14.61
CA PRO A 263 28.86 13.38 13.97
C PRO A 263 30.24 13.25 13.36
N ASN A 264 31.10 12.47 13.97
CA ASN A 264 32.44 12.32 13.45
C ASN A 264 32.60 11.13 12.51
N ARG A 265 31.58 10.32 12.36
CA ARG A 265 31.75 9.16 11.52
C ARG A 265 31.48 9.51 10.09
N LEU A 266 32.43 9.19 9.24
CA LEU A 266 32.30 9.49 7.83
C LEU A 266 31.55 8.38 7.14
N GLN A 267 30.40 8.73 6.55
CA GLN A 267 29.59 7.72 5.89
C GLN A 267 29.09 8.19 4.53
N ILE A 268 29.26 7.33 3.54
CA ILE A 268 28.86 7.66 2.19
C ILE A 268 27.58 6.97 1.79
N ARG A 269 26.88 7.53 0.81
CA ARG A 269 25.63 6.95 0.34
C ARG A 269 25.29 7.22 -1.12
N ASN A 270 24.71 6.20 -1.77
CA ASN A 270 24.22 6.32 -3.13
C ASN A 270 22.79 6.85 -3.07
N VAL A 271 22.57 7.99 -3.66
CA VAL A 271 21.30 8.68 -3.59
C VAL A 271 20.61 8.87 -4.93
N LEU A 272 19.35 8.50 -5.01
CA LEU A 272 18.61 8.70 -6.24
C LEU A 272 18.04 10.12 -6.28
N LYS A 273 18.41 10.89 -7.30
CA LYS A 273 17.95 12.27 -7.45
C LYS A 273 17.06 12.53 -8.67
N PHE A 274 15.92 13.17 -8.44
CA PHE A 274 15.05 13.56 -9.56
C PHE A 274 15.41 14.92 -10.13
N GLU A 275 15.33 15.02 -11.45
CA GLU A 275 15.52 16.28 -12.14
C GLU A 275 14.31 16.61 -12.99
N GLY A 276 14.10 17.90 -13.17
CA GLY A 276 12.94 18.43 -13.89
C GLY A 276 12.06 19.16 -12.89
N ASP A 277 11.23 20.07 -13.37
CA ASP A 277 10.38 20.83 -12.48
C ASP A 277 9.05 20.12 -12.34
N THR A 278 8.89 19.43 -11.21
CA THR A 278 7.69 18.65 -10.96
C THR A 278 6.63 19.42 -10.21
N ARG A 279 6.90 20.68 -9.87
CA ARG A 279 5.98 21.41 -9.01
C ARG A 279 4.63 21.64 -9.64
N GLU A 280 4.62 21.93 -10.93
CA GLU A 280 3.37 22.18 -11.62
C GLU A 280 2.54 20.94 -11.74
N LEU A 281 3.21 19.83 -12.04
CA LEU A 281 2.54 18.56 -12.11
C LEU A 281 1.87 18.25 -10.80
N ASP A 282 2.63 18.40 -9.73
CA ASP A 282 2.13 18.13 -8.41
C ASP A 282 0.96 19.04 -8.06
N ARG A 283 1.00 20.29 -8.51
CA ARG A 283 -0.12 21.20 -8.31
C ARG A 283 -1.39 20.74 -9.00
N THR A 284 -1.27 20.21 -10.22
CA THR A 284 -2.48 19.75 -10.90
C THR A 284 -3.07 18.53 -10.22
N LEU A 285 -2.24 17.76 -9.51
CA LEU A 285 -2.73 16.60 -8.80
C LEU A 285 -2.93 16.85 -7.30
N SER A 286 -2.88 18.13 -6.89
CA SER A 286 -3.01 18.50 -5.49
C SER A 286 -4.38 18.25 -4.88
N GLY A 287 -5.40 18.03 -5.70
CA GLY A 287 -6.73 17.83 -5.19
C GLY A 287 -7.12 16.35 -5.01
N TYR A 288 -6.16 15.44 -5.06
CA TYR A 288 -6.53 14.04 -4.92
C TYR A 288 -5.87 13.37 -3.72
N GLU A 289 -6.57 12.36 -3.17
CA GLU A 289 -6.06 11.60 -2.03
C GLU A 289 -4.84 10.80 -2.42
N GLU A 290 -3.82 10.87 -1.60
CA GLU A 290 -2.58 10.17 -1.89
C GLU A 290 -2.49 8.81 -1.24
N TYR A 291 -1.82 7.91 -1.95
CA TYR A 291 -1.54 6.57 -1.49
C TYR A 291 -0.03 6.51 -1.32
N PRO A 292 0.47 6.14 -0.15
CA PRO A 292 1.87 6.14 0.22
C PRO A 292 2.66 5.11 -0.55
N THR A 293 3.94 5.41 -0.72
CA THR A 293 4.85 4.56 -1.45
C THR A 293 5.76 3.79 -0.50
N TYR A 294 5.29 3.59 0.72
CA TYR A 294 6.03 2.87 1.73
C TYR A 294 6.06 1.41 1.41
N VAL A 295 6.95 0.66 2.07
CA VAL A 295 6.96 -0.78 1.89
C VAL A 295 6.85 -1.50 3.23
N PRO A 296 5.63 -1.72 3.73
CA PRO A 296 5.25 -2.42 4.95
C PRO A 296 5.64 -3.87 4.90
N LEU A 297 5.72 -4.48 6.06
CA LEU A 297 6.10 -5.87 6.19
C LEU A 297 4.93 -6.84 6.15
N PHE A 298 4.83 -7.59 5.06
CA PHE A 298 3.83 -8.65 4.92
C PHE A 298 4.44 -10.03 4.71
N LEU A 299 3.97 -10.98 5.49
CA LEU A 299 4.44 -12.35 5.41
C LEU A 299 3.68 -13.32 6.30
N GLY A 300 3.06 -14.32 5.70
CA GLY A 300 2.45 -15.37 6.48
C GLY A 300 0.94 -15.36 6.62
N TYR A 301 0.47 -16.19 7.56
CA TYR A 301 -0.94 -16.42 7.81
C TYR A 301 -1.23 -16.41 9.30
N GLN A 302 -2.04 -15.44 9.72
CA GLN A 302 -2.42 -15.31 11.11
C GLN A 302 -3.84 -15.78 11.29
N ILE A 303 -4.09 -16.51 12.37
CA ILE A 303 -5.41 -17.06 12.62
C ILE A 303 -5.92 -16.71 14.01
N ILE A 304 -7.09 -16.11 14.08
CA ILE A 304 -7.68 -15.74 15.35
C ILE A 304 -8.90 -16.58 15.64
N ASN A 305 -8.86 -17.33 16.73
CA ASN A 305 -10.01 -18.14 17.10
C ASN A 305 -11.10 -17.28 17.70
N SER A 306 -12.35 -17.70 17.51
CA SER A 306 -13.53 -16.92 17.88
C SER A 306 -13.63 -16.56 19.34
N GLU A 307 -13.11 -17.41 20.19
CA GLU A 307 -13.13 -17.22 21.63
C GLU A 307 -12.07 -16.25 22.15
N ASN A 308 -11.14 -15.84 21.31
CA ASN A 308 -10.06 -14.98 21.75
C ASN A 308 -10.47 -13.56 22.05
N ASN A 309 -10.07 -13.08 23.24
CA ASN A 309 -10.30 -11.70 23.66
C ASN A 309 -9.23 -10.79 23.05
N PHE A 310 -9.16 -10.81 21.73
CA PHE A 310 -8.19 -10.15 20.90
C PHE A 310 -8.05 -8.67 21.09
N LEU A 311 -9.13 -8.01 21.48
CA LEU A 311 -9.12 -6.57 21.57
C LEU A 311 -8.58 -6.07 22.90
N ARG A 312 -8.16 -7.00 23.77
CA ARG A 312 -7.54 -6.64 25.04
C ARG A 312 -6.40 -5.66 24.83
N ASN A 313 -6.31 -4.67 25.71
CA ASN A 313 -5.30 -3.65 25.56
C ASN A 313 -4.03 -3.89 26.36
N ASP A 314 -3.90 -5.05 26.96
CA ASP A 314 -2.69 -5.34 27.71
C ASP A 314 -1.70 -6.06 26.83
N PHE A 315 -0.58 -6.44 27.41
CA PHE A 315 0.42 -7.19 26.68
C PHE A 315 0.51 -8.60 27.17
N ILE A 316 0.59 -9.52 26.24
CA ILE A 316 0.72 -10.91 26.58
C ILE A 316 1.47 -11.62 25.47
N PRO A 317 2.50 -12.40 25.80
CA PRO A 317 3.25 -13.28 24.95
C PRO A 317 2.30 -14.26 24.29
N ARG A 318 2.57 -14.61 23.06
CA ARG A 318 1.70 -15.50 22.33
C ARG A 318 2.52 -16.58 21.69
N ALA A 319 1.95 -17.76 21.50
CA ALA A 319 2.73 -18.83 20.93
C ALA A 319 1.90 -19.88 20.22
N ASN A 320 2.54 -20.57 19.29
CA ASN A 320 1.93 -21.66 18.55
C ASN A 320 2.17 -22.98 19.28
N PRO A 321 1.12 -23.67 19.72
CA PRO A 321 1.12 -24.96 20.40
C PRO A 321 1.94 -26.00 19.62
N ARG B 14 -12.81 28.08 -16.47
CA ARG B 14 -13.48 27.02 -15.71
C ARG B 14 -14.31 26.13 -16.61
N VAL B 15 -13.78 24.97 -16.93
CA VAL B 15 -14.45 24.03 -17.81
C VAL B 15 -14.68 22.68 -17.17
N ASN B 16 -15.92 22.23 -17.21
CA ASN B 16 -16.27 20.93 -16.67
C ASN B 16 -15.90 19.89 -17.71
N ARG B 17 -14.90 19.10 -17.40
CA ARG B 17 -14.40 18.10 -18.33
C ARG B 17 -14.87 16.71 -18.00
N CYS B 18 -15.87 16.62 -17.13
CA CYS B 18 -16.35 15.31 -16.75
C CYS B 18 -17.18 14.69 -17.86
N ILE B 19 -16.71 13.60 -18.45
CA ILE B 19 -17.58 12.93 -19.39
C ILE B 19 -18.76 12.50 -18.54
N PHE B 20 -19.94 12.55 -19.12
CA PHE B 20 -21.22 12.31 -18.43
C PHE B 20 -21.78 13.60 -17.79
N ALA B 21 -21.02 14.69 -17.76
CA ALA B 21 -21.57 15.95 -17.24
C ALA B 21 -22.67 16.45 -18.15
N SER B 22 -22.58 16.07 -19.43
CA SER B 22 -23.55 16.42 -20.44
C SER B 22 -24.87 15.67 -20.32
N ILE B 23 -24.97 14.68 -19.42
CA ILE B 23 -26.20 13.94 -19.29
C ILE B 23 -27.32 14.83 -18.86
N VAL B 24 -28.35 14.85 -19.67
CA VAL B 24 -29.55 15.61 -19.41
C VAL B 24 -30.69 14.90 -20.08
N SER B 25 -31.85 14.94 -19.47
CA SER B 25 -32.97 14.24 -20.04
C SER B 25 -33.36 14.84 -21.36
N PHE B 26 -33.76 13.96 -22.25
CA PHE B 26 -34.22 14.34 -23.57
C PHE B 26 -35.60 14.95 -23.48
N ASP B 27 -36.28 14.71 -22.36
CA ASP B 27 -37.55 15.34 -22.08
C ASP B 27 -37.26 16.68 -21.45
N ALA B 28 -37.45 17.73 -22.24
CA ALA B 28 -37.12 19.10 -21.84
C ALA B 28 -37.85 19.60 -20.60
N CYS B 29 -38.93 18.95 -20.16
CA CYS B 29 -39.59 19.43 -18.96
C CYS B 29 -38.86 18.96 -17.70
N ILE B 30 -37.93 18.01 -17.85
CA ILE B 30 -37.19 17.48 -16.72
C ILE B 30 -35.82 18.11 -16.60
N THR B 31 -35.65 18.95 -15.59
CA THR B 31 -34.37 19.62 -15.34
C THR B 31 -33.35 18.69 -14.68
N TYR B 32 -32.90 17.69 -15.42
CA TYR B 32 -31.95 16.73 -14.90
C TYR B 32 -30.56 17.32 -14.70
N LYS B 33 -29.99 17.09 -13.53
CA LYS B 33 -28.65 17.53 -13.23
C LYS B 33 -27.70 16.37 -13.10
N SER B 34 -26.53 16.47 -13.73
CA SER B 34 -25.49 15.47 -13.62
C SER B 34 -24.45 15.96 -12.60
N PRO B 35 -24.44 15.39 -11.40
CA PRO B 35 -23.71 15.79 -10.20
C PRO B 35 -22.23 15.43 -10.19
N CYS B 36 -21.46 15.98 -11.12
CA CYS B 36 -20.03 15.72 -11.07
C CYS B 36 -19.37 16.44 -9.91
N SER B 37 -18.38 15.78 -9.34
CA SER B 37 -17.59 16.32 -8.25
C SER B 37 -16.65 17.42 -8.78
N PRO B 38 -16.12 18.27 -7.89
CA PRO B 38 -15.23 19.43 -8.13
C PRO B 38 -14.02 19.14 -8.99
N ASP B 39 -13.57 17.88 -9.00
CA ASP B 39 -12.43 17.49 -9.80
C ASP B 39 -12.71 17.53 -11.30
N ALA B 40 -13.97 17.75 -11.68
CA ALA B 40 -14.36 17.91 -13.06
C ALA B 40 -13.73 19.16 -13.66
N TYR B 41 -13.29 20.07 -12.81
CA TYR B 41 -12.70 21.29 -13.28
C TYR B 41 -11.19 21.25 -13.21
N HIS B 42 -10.63 20.08 -12.91
CA HIS B 42 -9.20 19.93 -12.87
C HIS B 42 -8.72 19.51 -14.24
N ASP B 43 -7.90 20.32 -14.85
CA ASP B 43 -7.44 20.04 -16.19
C ASP B 43 -6.34 18.99 -16.20
N ASP B 44 -6.75 17.74 -16.23
CA ASP B 44 -5.80 16.65 -16.27
C ASP B 44 -6.33 15.50 -17.11
N GLY B 45 -5.65 14.35 -17.05
CA GLY B 45 -6.01 13.19 -17.85
C GLY B 45 -7.33 12.55 -17.45
N TRP B 46 -7.84 12.88 -16.27
CA TRP B 46 -9.09 12.31 -15.87
C TRP B 46 -10.21 13.04 -16.57
N PHE B 47 -10.72 12.46 -17.64
CA PHE B 47 -11.85 13.05 -18.36
C PHE B 47 -13.17 12.46 -17.92
N ILE B 48 -13.22 12.10 -16.65
CA ILE B 48 -14.35 11.54 -15.95
C ILE B 48 -14.22 12.08 -14.55
N CYS B 49 -15.33 12.35 -13.90
CA CYS B 49 -15.27 12.89 -12.55
C CYS B 49 -15.42 11.74 -11.57
N ASN B 50 -14.84 11.91 -10.38
CA ASN B 50 -14.74 10.84 -9.41
C ASN B 50 -16.07 10.18 -9.11
N ASN B 51 -17.12 10.97 -9.02
CA ASN B 51 -18.42 10.40 -8.74
C ASN B 51 -18.87 9.40 -9.78
N HIS B 52 -18.53 9.64 -11.03
CA HIS B 52 -19.03 8.80 -12.11
C HIS B 52 -18.08 7.64 -12.30
N LEU B 53 -16.82 7.89 -11.97
CA LEU B 53 -15.80 6.89 -11.99
C LEU B 53 -16.17 5.80 -11.00
N ILE B 54 -16.61 6.23 -9.83
CA ILE B 54 -17.12 5.31 -8.83
C ILE B 54 -18.38 4.63 -9.30
N LYS B 55 -19.35 5.45 -9.69
CA LYS B 55 -20.66 4.99 -10.09
C LYS B 55 -20.65 3.96 -11.20
N ARG B 56 -19.81 4.16 -12.20
CA ARG B 56 -19.81 3.28 -13.33
C ARG B 56 -18.64 2.32 -13.40
N PHE B 57 -17.47 2.74 -12.94
CA PHE B 57 -16.32 1.86 -13.08
C PHE B 57 -15.82 1.29 -11.77
N LYS B 58 -16.45 1.66 -10.65
CA LYS B 58 -16.05 1.14 -9.35
C LYS B 58 -14.62 1.49 -9.02
N MET B 59 -14.26 2.74 -9.30
CA MET B 59 -12.92 3.21 -8.99
C MET B 59 -12.91 4.55 -8.29
N SER B 60 -11.86 4.78 -7.52
CA SER B 60 -11.70 6.04 -6.81
C SER B 60 -10.36 6.69 -7.17
N LYS B 61 -10.37 7.99 -7.43
CA LYS B 61 -9.15 8.67 -7.87
C LYS B 61 -8.14 8.91 -6.76
N MET B 62 -6.89 8.51 -7.00
CA MET B 62 -5.81 8.72 -6.06
C MET B 62 -4.48 9.11 -6.72
N VAL B 63 -3.51 9.42 -5.89
CA VAL B 63 -2.18 9.82 -6.32
C VAL B 63 -1.02 9.08 -5.67
N LEU B 64 -0.01 8.75 -6.45
CA LEU B 64 1.22 8.17 -5.96
C LEU B 64 2.31 9.21 -5.92
N PRO B 65 2.54 9.87 -4.79
CA PRO B 65 3.56 10.88 -4.55
C PRO B 65 4.90 10.18 -4.52
N ILE B 66 5.44 9.91 -5.69
CA ILE B 66 6.71 9.23 -5.77
C ILE B 66 7.83 10.16 -5.38
N PHE B 67 8.67 9.71 -4.48
CA PHE B 67 9.75 10.57 -4.06
C PHE B 67 11.10 10.02 -4.38
N ASP B 68 12.04 10.93 -4.58
CA ASP B 68 13.42 10.54 -4.73
C ASP B 68 14.02 10.55 -3.34
N GLU B 69 15.32 10.40 -3.25
CA GLU B 69 15.97 10.39 -1.97
C GLU B 69 16.62 11.71 -1.62
N ASP B 70 16.12 12.80 -2.18
CA ASP B 70 16.72 14.10 -1.93
C ASP B 70 15.82 15.27 -2.27
N ASP B 71 14.74 15.40 -1.52
CA ASP B 71 13.81 16.52 -1.62
C ASP B 71 13.05 16.74 -2.93
N ASN B 72 12.77 15.71 -3.72
CA ASN B 72 11.91 15.95 -4.88
C ASN B 72 10.72 15.03 -4.90
N GLN B 73 9.57 15.63 -5.17
CA GLN B 73 8.30 14.95 -5.24
C GLN B 73 7.85 14.76 -6.66
N PHE B 74 7.25 13.63 -6.93
CA PHE B 74 6.79 13.26 -8.24
C PHE B 74 5.45 12.54 -8.19
N LYS B 75 4.37 13.29 -8.31
CA LYS B 75 3.05 12.67 -8.26
C LYS B 75 2.67 11.96 -9.53
N MET B 76 1.84 10.95 -9.39
CA MET B 76 1.35 10.13 -10.48
C MET B 76 -0.06 9.66 -10.19
N THR B 77 -0.91 9.60 -11.20
CA THR B 77 -2.28 9.20 -10.91
C THR B 77 -2.44 7.70 -10.77
N ILE B 78 -3.43 7.30 -9.99
CA ILE B 78 -3.77 5.90 -9.79
C ILE B 78 -5.17 5.77 -9.23
N ALA B 79 -5.88 4.73 -9.60
CA ALA B 79 -7.19 4.52 -9.04
C ALA B 79 -7.18 3.47 -7.96
N ARG B 80 -8.23 3.45 -7.17
CA ARG B 80 -8.46 2.48 -6.11
C ARG B 80 -9.69 1.63 -6.41
N HIS B 81 -9.61 0.34 -6.12
CA HIS B 81 -10.73 -0.56 -6.37
C HIS B 81 -11.88 -0.41 -5.42
N LEU B 82 -13.08 -0.54 -5.94
CA LEU B 82 -14.26 -0.56 -5.09
C LEU B 82 -14.98 -1.89 -5.26
N VAL B 83 -14.19 -2.95 -5.36
CA VAL B 83 -14.69 -4.30 -5.51
C VAL B 83 -14.22 -5.15 -4.33
N GLY B 84 -15.16 -5.86 -3.69
CA GLY B 84 -14.84 -6.66 -2.51
C GLY B 84 -14.17 -7.99 -2.87
N ASN B 85 -14.07 -8.89 -1.90
CA ASN B 85 -13.43 -10.17 -2.11
C ASN B 85 -14.36 -11.34 -2.38
N LYS B 86 -15.64 -11.06 -2.63
CA LYS B 86 -16.60 -12.14 -2.86
C LYS B 86 -17.19 -12.07 -4.26
N GLU B 87 -17.17 -10.89 -4.83
CA GLU B 87 -17.69 -10.60 -6.17
C GLU B 87 -16.96 -11.36 -7.25
N ARG B 88 -17.65 -11.65 -8.33
CA ARG B 88 -17.01 -12.33 -9.44
C ARG B 88 -17.74 -12.09 -10.74
N GLY B 89 -17.07 -12.41 -11.84
CA GLY B 89 -17.65 -12.22 -13.15
C GLY B 89 -17.80 -10.74 -13.40
N ILE B 90 -18.98 -10.35 -13.86
CA ILE B 90 -19.27 -8.96 -14.16
C ILE B 90 -19.31 -8.06 -12.93
N LYS B 91 -19.31 -8.65 -11.75
CA LYS B 91 -19.31 -7.87 -10.54
C LYS B 91 -17.89 -7.42 -10.24
N ARG B 92 -16.93 -8.14 -10.81
CA ARG B 92 -15.53 -7.87 -10.60
C ARG B 92 -14.93 -7.12 -11.79
N ILE B 93 -15.48 -7.31 -12.98
CA ILE B 93 -15.01 -6.56 -14.14
C ILE B 93 -15.18 -5.06 -13.91
N LEU B 94 -14.09 -4.33 -14.05
CA LEU B 94 -14.04 -2.89 -13.85
C LEU B 94 -14.40 -2.12 -15.11
N ILE B 95 -13.67 -2.41 -16.17
CA ILE B 95 -13.90 -1.77 -17.47
C ILE B 95 -14.07 -2.83 -18.51
N PRO B 96 -15.29 -3.15 -18.88
CA PRO B 96 -15.64 -4.19 -19.81
C PRO B 96 -15.27 -3.82 -21.21
N SER B 97 -15.02 -4.83 -22.01
CA SER B 97 -14.69 -4.61 -23.41
C SER B 97 -15.93 -4.22 -24.18
N ALA B 98 -15.71 -3.87 -25.43
CA ALA B 98 -16.80 -3.52 -26.33
C ALA B 98 -17.70 -4.71 -26.63
N THR B 99 -17.26 -5.92 -26.29
CA THR B 99 -18.04 -7.11 -26.56
C THR B 99 -18.93 -7.49 -25.39
N ASN B 100 -18.77 -6.83 -24.25
CA ASN B 100 -19.60 -7.21 -23.12
C ASN B 100 -20.06 -6.07 -22.23
N TYR B 101 -19.68 -4.83 -22.54
CA TYR B 101 -20.12 -3.70 -21.73
C TYR B 101 -21.63 -3.56 -21.69
N GLN B 102 -22.30 -4.03 -22.72
CA GLN B 102 -23.75 -3.96 -22.77
C GLN B 102 -24.41 -5.01 -21.87
N ASP B 103 -23.60 -5.95 -21.37
CA ASP B 103 -24.07 -6.97 -20.46
C ASP B 103 -23.71 -6.57 -19.04
N VAL B 104 -22.56 -5.92 -18.91
CA VAL B 104 -22.09 -5.43 -17.63
C VAL B 104 -22.89 -4.24 -17.19
N PHE B 105 -23.02 -3.27 -18.07
CA PHE B 105 -23.82 -2.10 -17.79
C PHE B 105 -25.24 -2.36 -18.20
N ASN B 106 -26.16 -2.28 -17.26
CA ASN B 106 -27.56 -2.47 -17.60
C ASN B 106 -28.12 -1.19 -18.17
N LEU B 107 -27.81 -1.00 -19.44
CA LEU B 107 -28.13 0.19 -20.21
C LEU B 107 -29.61 0.45 -20.28
N ASN B 108 -30.40 -0.60 -20.26
CA ASN B 108 -31.84 -0.48 -20.32
C ASN B 108 -32.45 0.13 -19.07
N SER B 109 -31.66 0.30 -18.01
CA SER B 109 -32.18 0.88 -16.79
C SER B 109 -31.59 2.24 -16.52
N MET B 110 -30.89 2.80 -17.50
CA MET B 110 -30.29 4.10 -17.29
C MET B 110 -30.75 5.08 -18.36
N MET B 111 -30.39 6.35 -18.22
CA MET B 111 -30.88 7.38 -19.12
C MET B 111 -30.35 7.21 -20.52
N GLN B 112 -31.14 7.62 -21.50
CA GLN B 112 -30.76 7.44 -22.88
C GLN B 112 -29.58 8.32 -23.22
N ALA B 113 -29.47 9.47 -22.55
CA ALA B 113 -28.35 10.35 -22.75
C ALA B 113 -27.05 9.65 -22.36
N GLU B 114 -27.07 8.96 -21.22
CA GLU B 114 -25.87 8.27 -20.82
C GLU B 114 -25.68 6.97 -21.57
N GLN B 115 -26.76 6.36 -22.07
CA GLN B 115 -26.62 5.18 -22.90
C GLN B 115 -25.86 5.57 -24.14
N LEU B 116 -26.26 6.69 -24.72
CA LEU B 116 -25.63 7.26 -25.87
C LEU B 116 -24.16 7.42 -25.64
N ILE B 117 -23.81 8.04 -24.52
CA ILE B 117 -22.43 8.25 -24.19
C ILE B 117 -21.65 6.96 -24.14
N PHE B 118 -22.21 5.93 -23.51
CA PHE B 118 -21.51 4.65 -23.48
C PHE B 118 -21.34 4.07 -24.85
N HIS B 119 -22.32 4.24 -25.72
CA HIS B 119 -22.18 3.68 -27.04
C HIS B 119 -21.17 4.46 -27.82
N LEU B 120 -21.04 5.74 -27.54
CA LEU B 120 -20.04 6.52 -28.21
C LEU B 120 -18.66 6.09 -27.74
N ILE B 121 -18.54 5.85 -26.44
CA ILE B 121 -17.29 5.37 -25.85
C ILE B 121 -16.87 4.04 -26.44
N TYR B 122 -17.81 3.15 -26.66
CA TYR B 122 -17.51 1.85 -27.22
C TYR B 122 -17.80 1.74 -28.71
N ASN B 123 -17.99 2.88 -29.38
CA ASN B 123 -18.21 2.94 -30.84
C ASN B 123 -19.39 2.12 -31.34
N ASN B 124 -20.44 1.98 -30.56
CA ASN B 124 -21.59 1.22 -31.01
C ASN B 124 -22.55 2.10 -31.74
N GLU B 125 -22.20 2.38 -33.00
CA GLU B 125 -22.95 3.26 -33.86
C GLU B 125 -24.35 2.77 -34.13
N ASN B 126 -24.54 1.47 -34.14
CA ASN B 126 -25.86 0.92 -34.38
C ASN B 126 -26.79 1.35 -33.27
N ALA B 127 -26.32 1.25 -32.04
CA ALA B 127 -27.11 1.67 -30.90
C ALA B 127 -27.27 3.16 -30.86
N VAL B 128 -26.23 3.89 -31.25
CA VAL B 128 -26.31 5.34 -31.33
C VAL B 128 -27.42 5.77 -32.25
N ASN B 129 -27.48 5.14 -33.41
CA ASN B 129 -28.49 5.41 -34.40
C ASN B 129 -29.85 4.95 -33.93
N THR B 130 -29.89 3.86 -33.18
CA THR B 130 -31.14 3.34 -32.64
C THR B 130 -31.77 4.34 -31.69
N ILE B 131 -30.95 4.92 -30.83
CA ILE B 131 -31.42 5.93 -29.89
C ILE B 131 -31.99 7.10 -30.64
N CYS B 132 -31.23 7.58 -31.62
CA CYS B 132 -31.65 8.68 -32.46
C CYS B 132 -33.02 8.41 -33.06
N ASP B 133 -33.15 7.28 -33.75
CA ASP B 133 -34.38 6.88 -34.41
C ASP B 133 -35.57 6.84 -33.49
N ASN B 134 -35.39 6.29 -32.30
CA ASN B 134 -36.50 6.23 -31.37
C ASN B 134 -36.96 7.61 -30.95
N LEU B 135 -36.01 8.52 -30.82
CA LEU B 135 -36.32 9.88 -30.40
C LEU B 135 -36.86 10.75 -31.52
N LYS B 136 -36.64 10.37 -32.78
CA LYS B 136 -37.19 11.12 -33.90
C LYS B 136 -38.70 11.25 -33.85
N TYR B 137 -39.37 10.20 -33.41
CA TYR B 137 -40.81 10.18 -33.44
C TYR B 137 -41.46 10.78 -32.21
N THR B 138 -41.38 12.09 -32.08
CA THR B 138 -42.04 12.75 -30.98
C THR B 138 -42.41 14.19 -31.25
N GLU B 139 -43.20 14.72 -30.32
CA GLU B 139 -43.85 16.02 -30.38
C GLU B 139 -42.92 17.19 -30.51
N GLY B 140 -41.77 17.12 -29.87
CA GLY B 140 -40.84 18.22 -29.94
C GLY B 140 -39.49 17.76 -30.38
N PHE B 141 -39.45 16.76 -31.27
CA PHE B 141 -38.15 16.32 -31.75
C PHE B 141 -37.42 17.40 -32.48
N THR B 142 -38.08 17.95 -33.49
CA THR B 142 -37.44 18.99 -34.28
C THR B 142 -37.41 20.32 -33.57
N SER B 143 -38.23 20.45 -32.53
CA SER B 143 -38.30 21.68 -31.77
C SER B 143 -37.21 21.81 -30.73
N ASN B 144 -37.09 20.82 -29.84
CA ASN B 144 -36.11 20.90 -28.77
C ASN B 144 -35.24 19.67 -28.54
N THR B 145 -35.83 18.49 -28.68
CA THR B 145 -35.14 17.26 -28.33
C THR B 145 -33.95 16.98 -29.22
N GLN B 146 -34.13 17.11 -30.52
CA GLN B 146 -33.06 16.91 -31.48
C GLN B 146 -31.82 17.68 -31.12
N ARG B 147 -32.01 18.97 -30.82
CA ARG B 147 -30.93 19.85 -30.45
C ARG B 147 -30.21 19.38 -29.22
N VAL B 148 -30.98 19.02 -28.19
CA VAL B 148 -30.41 18.53 -26.95
C VAL B 148 -29.60 17.28 -27.15
N ILE B 149 -30.14 16.35 -27.93
CA ILE B 149 -29.48 15.09 -28.18
C ILE B 149 -28.15 15.34 -28.84
N HIS B 150 -28.20 16.15 -29.89
CA HIS B 150 -27.03 16.50 -30.65
C HIS B 150 -25.99 17.17 -29.80
N SER B 151 -26.42 18.09 -28.94
CA SER B 151 -25.50 18.79 -28.05
C SER B 151 -24.71 17.81 -27.20
N VAL B 152 -25.41 16.84 -26.62
CA VAL B 152 -24.78 15.81 -25.80
C VAL B 152 -23.77 15.04 -26.61
N TYR B 153 -24.18 14.63 -27.80
CA TYR B 153 -23.35 13.90 -28.73
C TYR B 153 -22.08 14.63 -29.05
N ALA B 154 -22.22 15.88 -29.46
CA ALA B 154 -21.10 16.69 -29.86
C ALA B 154 -20.12 16.89 -28.73
N THR B 155 -20.64 17.14 -27.53
CA THR B 155 -19.80 17.33 -26.37
C THR B 155 -18.99 16.09 -26.07
N THR B 156 -19.65 14.94 -26.14
CA THR B 156 -19.01 13.68 -25.89
C THR B 156 -17.93 13.44 -26.92
N LYS B 157 -18.25 13.71 -28.18
CA LYS B 157 -17.30 13.54 -29.26
C LYS B 157 -16.08 14.41 -29.08
N SER B 158 -16.27 15.63 -28.57
CA SER B 158 -15.15 16.51 -28.30
C SER B 158 -14.16 15.84 -27.37
N ILE B 159 -14.68 15.27 -26.29
CA ILE B 159 -13.85 14.56 -25.33
C ILE B 159 -13.19 13.34 -25.94
N LEU B 160 -13.96 12.56 -26.67
CA LEU B 160 -13.45 11.34 -27.27
C LEU B 160 -12.32 11.64 -28.24
N ASP B 161 -12.49 12.68 -29.03
CA ASP B 161 -11.49 13.07 -29.99
C ASP B 161 -10.26 13.62 -29.31
N THR B 162 -10.46 14.34 -28.21
CA THR B 162 -9.35 14.84 -27.43
C THR B 162 -8.44 13.73 -26.98
N THR B 163 -9.04 12.64 -26.53
CA THR B 163 -8.26 11.50 -26.06
C THR B 163 -7.84 10.54 -27.16
N ASN B 164 -8.49 10.59 -28.31
CA ASN B 164 -8.16 9.68 -29.39
C ASN B 164 -6.96 10.17 -30.24
N PRO B 165 -5.82 9.47 -30.17
CA PRO B 165 -4.54 9.77 -30.79
C PRO B 165 -4.55 9.65 -32.30
N ASN B 166 -5.59 9.04 -32.84
CA ASN B 166 -5.67 8.83 -34.26
C ASN B 166 -6.51 9.90 -34.96
N THR B 167 -6.92 10.93 -34.24
CA THR B 167 -7.71 11.97 -34.86
C THR B 167 -6.86 13.02 -35.54
N PHE B 168 -7.54 13.88 -36.28
CA PHE B 168 -6.94 14.95 -37.05
C PHE B 168 -6.09 15.88 -36.22
N CYS B 169 -4.81 15.96 -36.58
CA CYS B 169 -3.83 16.78 -35.87
C CYS B 169 -3.73 16.44 -34.41
N SER B 170 -4.00 15.18 -34.06
CA SER B 170 -3.89 14.80 -32.67
C SER B 170 -2.46 14.87 -32.22
N ARG B 171 -2.24 15.55 -31.11
CA ARG B 171 -0.91 15.64 -30.54
C ARG B 171 -0.62 14.32 -29.84
N VAL B 172 0.37 13.59 -30.33
CA VAL B 172 0.68 12.30 -29.73
C VAL B 172 2.11 12.20 -29.29
N SER B 173 2.32 11.86 -28.03
CA SER B 173 3.67 11.70 -27.54
C SER B 173 4.17 10.29 -27.69
N ARG B 174 5.46 10.19 -27.97
CA ARG B 174 6.12 8.92 -28.10
C ARG B 174 7.24 8.79 -27.07
N ASP B 175 7.24 9.67 -26.06
CA ASP B 175 8.30 9.63 -25.04
C ASP B 175 8.01 8.68 -23.89
N GLU B 176 7.00 7.83 -24.07
CA GLU B 176 6.61 6.88 -23.07
C GLU B 176 6.08 5.60 -23.64
N LEU B 177 6.54 4.49 -23.10
CA LEU B 177 6.00 3.22 -23.50
C LEU B 177 5.23 2.65 -22.35
N ARG B 178 4.17 1.95 -22.65
CA ARG B 178 3.40 1.35 -21.59
C ARG B 178 2.89 0.00 -21.95
N PHE B 179 3.32 -0.98 -21.18
CA PHE B 179 2.93 -2.34 -21.46
C PHE B 179 2.15 -2.89 -20.30
N PHE B 180 1.21 -3.77 -20.58
CA PHE B 180 0.44 -4.42 -19.54
C PHE B 180 0.81 -5.90 -19.45
N ASP B 181 2.06 -6.17 -19.79
CA ASP B 181 2.68 -7.47 -19.79
C ASP B 181 4.17 -7.32 -19.62
N VAL B 182 4.63 -7.38 -18.38
CA VAL B 182 6.03 -7.14 -18.05
C VAL B 182 6.99 -8.09 -18.75
N THR B 183 6.66 -9.38 -18.74
CA THR B 183 7.51 -10.40 -19.35
C THR B 183 7.84 -10.08 -20.79
N ASN B 184 6.82 -9.74 -21.56
CA ASN B 184 7.04 -9.39 -22.94
C ASN B 184 7.55 -7.97 -23.10
N ALA B 185 7.20 -7.10 -22.15
CA ALA B 185 7.62 -5.70 -22.13
C ALA B 185 9.13 -5.57 -22.01
N ARG B 186 9.79 -6.58 -21.46
CA ARG B 186 11.24 -6.56 -21.38
C ARG B 186 11.89 -6.45 -22.76
N ALA B 187 11.22 -6.98 -23.79
CA ALA B 187 11.70 -6.89 -25.16
C ALA B 187 10.87 -5.88 -25.96
N LEU B 188 10.10 -5.08 -25.23
CA LEU B 188 9.18 -4.09 -25.77
C LEU B 188 8.13 -4.71 -26.67
N ARG B 189 7.67 -5.91 -26.32
CA ARG B 189 6.64 -6.56 -27.11
C ARG B 189 5.23 -6.20 -26.64
N GLY B 190 4.88 -6.57 -25.42
CA GLY B 190 3.57 -6.25 -24.87
C GLY B 190 2.59 -7.43 -24.83
N GLY B 191 2.82 -8.43 -25.67
CA GLY B 191 2.00 -9.63 -25.69
C GLY B 191 0.52 -9.39 -25.98
N ALA B 192 -0.28 -10.39 -25.63
CA ALA B 192 -1.72 -10.36 -25.84
C ALA B 192 -2.38 -9.29 -25.03
N GLY B 193 -1.85 -9.00 -23.85
CA GLY B 193 -2.42 -7.99 -22.99
C GLY B 193 -2.47 -6.66 -23.70
N ASP B 194 -1.38 -6.27 -24.35
CA ASP B 194 -1.39 -5.03 -25.08
C ASP B 194 -2.22 -5.10 -26.34
N GLN B 195 -2.27 -6.27 -26.98
CA GLN B 195 -3.10 -6.40 -28.17
C GLN B 195 -4.55 -6.14 -27.83
N LEU B 196 -4.98 -6.64 -26.68
CA LEU B 196 -6.31 -6.43 -26.18
C LEU B 196 -6.52 -4.97 -25.83
N PHE B 197 -5.53 -4.39 -25.17
CA PHE B 197 -5.54 -2.99 -24.78
C PHE B 197 -5.75 -2.07 -25.96
N ASN B 198 -5.09 -2.38 -27.06
CA ASN B 198 -5.17 -1.58 -28.26
C ASN B 198 -6.53 -1.59 -28.95
N ASN B 199 -7.46 -2.42 -28.48
CA ASN B 199 -8.77 -2.46 -29.07
C ASN B 199 -9.76 -1.56 -28.34
N TYR B 200 -9.27 -0.78 -27.40
CA TYR B 200 -10.10 0.15 -26.65
C TYR B 200 -10.07 1.51 -27.28
N SER B 201 -11.10 2.29 -27.03
CA SER B 201 -11.16 3.63 -27.59
C SER B 201 -10.09 4.46 -26.95
N GLY B 202 -9.77 5.60 -27.57
CA GLY B 202 -8.74 6.48 -27.06
C GLY B 202 -9.05 6.87 -25.63
N PHE B 203 -10.32 7.16 -25.39
CA PHE B 203 -10.81 7.49 -24.06
C PHE B 203 -10.54 6.38 -23.09
N LEU B 204 -10.93 5.16 -23.46
CA LEU B 204 -10.75 4.04 -22.57
C LEU B 204 -9.30 3.67 -22.37
N GLN B 205 -8.48 3.81 -23.41
CA GLN B 205 -7.07 3.50 -23.25
C GLN B 205 -6.45 4.51 -22.31
N ASN B 206 -6.86 5.77 -22.46
CA ASN B 206 -6.42 6.80 -21.56
C ASN B 206 -6.81 6.49 -20.15
N LEU B 207 -8.08 6.16 -19.95
CA LEU B 207 -8.63 5.86 -18.64
C LEU B 207 -7.87 4.74 -17.97
N ILE B 208 -7.63 3.66 -18.69
CA ILE B 208 -6.89 2.54 -18.14
C ILE B 208 -5.49 2.92 -17.74
N ARG B 209 -4.77 3.63 -18.60
CA ARG B 209 -3.42 4.03 -18.25
C ARG B 209 -3.40 5.00 -17.10
N ARG B 210 -4.40 5.85 -17.05
CA ARG B 210 -4.58 6.87 -16.05
C ARG B 210 -4.84 6.29 -14.66
N ALA B 211 -5.65 5.24 -14.63
CA ALA B 211 -6.04 4.55 -13.41
C ALA B 211 -5.07 3.46 -12.97
N VAL B 212 -4.50 2.75 -13.92
CA VAL B 212 -3.64 1.64 -13.57
C VAL B 212 -2.18 2.01 -13.56
N ALA B 213 -1.54 1.88 -12.43
CA ALA B 213 -0.11 2.14 -12.33
C ALA B 213 0.61 0.86 -12.69
N PRO B 214 1.81 0.94 -13.22
CA PRO B 214 2.67 -0.15 -13.58
C PRO B 214 3.38 -0.70 -12.35
N GLU B 215 3.75 -1.98 -12.37
CA GLU B 215 4.57 -2.51 -11.29
C GLU B 215 5.96 -1.98 -11.40
N TYR B 216 6.40 -1.79 -12.64
CA TYR B 216 7.75 -1.34 -12.92
C TYR B 216 7.77 -0.02 -13.65
N LEU B 217 8.77 0.79 -13.35
CA LEU B 217 8.95 2.05 -14.01
C LEU B 217 10.40 2.26 -14.37
N GLN B 218 10.70 2.34 -15.65
CA GLN B 218 12.08 2.51 -16.07
C GLN B 218 12.31 3.88 -16.65
N ILE B 219 13.01 4.73 -15.91
CA ILE B 219 13.28 6.06 -16.37
C ILE B 219 14.71 6.18 -16.75
N ASP B 220 14.97 6.36 -18.03
CA ASP B 220 16.34 6.44 -18.52
C ASP B 220 17.21 5.33 -18.00
N THR B 221 16.74 4.10 -18.15
CA THR B 221 17.38 2.84 -17.73
C THR B 221 17.29 2.55 -16.22
N GLU B 222 16.87 3.53 -15.41
CA GLU B 222 16.75 3.29 -14.00
C GLU B 222 15.41 2.65 -13.68
N GLU B 223 15.44 1.37 -13.39
CA GLU B 223 14.23 0.62 -13.11
C GLU B 223 13.82 0.64 -11.67
N LEU B 224 12.61 1.11 -11.43
CA LEU B 224 12.03 1.14 -10.11
C LEU B 224 10.95 0.10 -10.04
N ARG B 225 10.69 -0.45 -8.86
CA ARG B 225 9.63 -1.42 -8.76
C ARG B 225 8.71 -0.96 -7.64
N PHE B 226 7.49 -0.64 -7.99
CA PHE B 226 6.56 -0.11 -7.02
C PHE B 226 5.73 -1.15 -6.34
N ARG B 227 5.53 -2.25 -7.01
CA ARG B 227 4.82 -3.33 -6.36
C ARG B 227 5.24 -4.61 -6.98
N ASN B 228 5.52 -5.61 -6.17
CA ASN B 228 6.02 -6.83 -6.74
C ASN B 228 4.96 -7.76 -7.33
N CYS B 229 3.70 -7.57 -6.97
CA CYS B 229 2.63 -8.35 -7.58
C CYS B 229 1.53 -7.45 -8.14
N ALA B 230 0.81 -7.94 -9.14
CA ALA B 230 -0.26 -7.19 -9.77
C ALA B 230 -1.54 -7.22 -8.96
N THR B 231 -2.39 -6.21 -9.20
CA THR B 231 -3.69 -6.16 -8.55
C THR B 231 -4.78 -6.10 -9.63
N CYS B 232 -4.36 -5.85 -10.87
CA CYS B 232 -5.31 -5.81 -11.99
C CYS B 232 -4.99 -6.80 -13.09
N ILE B 233 -6.02 -7.28 -13.76
CA ILE B 233 -5.84 -8.16 -14.89
C ILE B 233 -6.62 -7.70 -16.11
N ILE B 234 -5.94 -7.58 -17.23
CA ILE B 234 -6.61 -7.23 -18.48
C ILE B 234 -6.73 -8.44 -19.35
N ASP B 235 -7.95 -8.76 -19.74
CA ASP B 235 -8.17 -9.90 -20.60
C ASP B 235 -9.31 -9.60 -21.56
N GLU B 236 -9.80 -10.60 -22.26
CA GLU B 236 -10.85 -10.40 -23.26
C GLU B 236 -12.19 -9.92 -22.72
N THR B 237 -12.38 -9.92 -21.41
CA THR B 237 -13.62 -9.43 -20.86
C THR B 237 -13.48 -7.98 -20.45
N GLY B 238 -12.23 -7.51 -20.33
CA GLY B 238 -11.96 -6.16 -19.93
C GLY B 238 -10.94 -6.07 -18.81
N LEU B 239 -10.92 -4.92 -18.14
CA LEU B 239 -10.09 -4.69 -17.00
C LEU B 239 -10.80 -5.28 -15.82
N VAL B 240 -10.19 -6.26 -15.18
CA VAL B 240 -10.82 -6.98 -14.09
C VAL B 240 -10.13 -6.80 -12.77
N ALA B 241 -10.92 -6.56 -11.73
CA ALA B 241 -10.38 -6.39 -10.39
C ALA B 241 -10.04 -7.72 -9.75
N SER B 242 -9.00 -8.38 -10.23
CA SER B 242 -8.66 -9.68 -9.68
C SER B 242 -7.19 -9.86 -9.42
N VAL B 243 -6.81 -11.06 -9.06
CA VAL B 243 -5.43 -11.32 -8.72
C VAL B 243 -4.89 -12.50 -9.51
N PRO B 244 -3.58 -12.51 -9.78
CA PRO B 244 -2.82 -13.53 -10.47
C PRO B 244 -3.07 -14.93 -9.92
N ASP B 245 -3.20 -15.04 -8.59
CA ASP B 245 -3.45 -16.33 -7.99
C ASP B 245 -4.16 -16.21 -6.65
N GLY B 246 -4.51 -17.35 -6.07
CA GLY B 246 -5.16 -17.41 -4.77
C GLY B 246 -6.51 -16.71 -4.75
N PRO B 247 -7.03 -16.41 -3.56
CA PRO B 247 -8.26 -15.72 -3.26
C PRO B 247 -8.12 -14.23 -3.46
N GLU B 248 -9.27 -13.57 -3.59
CA GLU B 248 -9.31 -12.15 -3.83
C GLU B 248 -8.91 -11.35 -2.61
N LEU B 249 -8.40 -10.16 -2.85
CA LEU B 249 -7.98 -9.29 -1.77
C LEU B 249 -9.15 -8.72 -1.03
N TYR B 250 -9.00 -8.67 0.28
CA TYR B 250 -10.01 -8.09 1.13
C TYR B 250 -10.13 -6.62 0.83
N ASN B 251 -11.35 -6.16 0.61
CA ASN B 251 -11.57 -4.77 0.30
C ASN B 251 -12.87 -4.28 0.91
N PRO B 252 -12.81 -3.58 2.04
CA PRO B 252 -13.90 -3.04 2.83
C PRO B 252 -14.55 -1.87 2.14
N ILE B 253 -15.67 -2.12 1.48
CA ILE B 253 -16.35 -1.05 0.79
C ILE B 253 -17.27 -0.31 1.72
N ARG B 254 -16.95 0.95 1.95
CA ARG B 254 -17.69 1.78 2.90
C ARG B 254 -18.77 2.60 2.24
N SER B 255 -19.76 2.96 3.06
CA SER B 255 -20.91 3.74 2.64
C SER B 255 -20.55 5.15 2.19
N SER B 256 -19.34 5.60 2.54
CA SER B 256 -18.87 6.90 2.10
C SER B 256 -18.63 6.93 0.59
N ASP B 257 -18.38 5.76 0.01
CA ASP B 257 -18.19 5.66 -1.43
C ASP B 257 -19.47 5.19 -2.12
N ILE B 258 -20.28 4.43 -1.38
CA ILE B 258 -21.54 3.94 -1.91
C ILE B 258 -22.56 5.05 -2.04
N MET B 259 -23.13 5.19 -3.23
CA MET B 259 -24.12 6.23 -3.43
C MET B 259 -25.42 5.67 -3.96
N ARG B 260 -26.52 5.99 -3.28
CA ARG B 260 -27.82 5.49 -3.70
C ARG B 260 -28.39 6.36 -4.81
N SER B 261 -27.91 6.11 -6.02
CA SER B 261 -28.35 6.83 -7.20
C SER B 261 -29.84 6.66 -7.43
N GLN B 262 -30.31 5.42 -7.37
CA GLN B 262 -31.72 5.16 -7.55
C GLN B 262 -32.35 4.61 -6.28
N PRO B 263 -33.08 5.43 -5.51
CA PRO B 263 -33.73 5.12 -4.25
C PRO B 263 -34.89 4.16 -4.40
N ASN B 264 -35.42 3.99 -5.61
CA ASN B 264 -36.49 3.05 -5.79
C ASN B 264 -35.96 1.65 -6.07
N ARG B 265 -34.66 1.54 -6.31
CA ARG B 265 -34.11 0.25 -6.65
C ARG B 265 -33.75 -0.51 -5.40
N LEU B 266 -34.47 -1.57 -5.16
CA LEU B 266 -34.27 -2.44 -4.02
C LEU B 266 -33.06 -3.31 -4.23
N GLN B 267 -32.10 -3.24 -3.31
CA GLN B 267 -30.86 -4.00 -3.44
C GLN B 267 -30.34 -4.59 -2.12
N ILE B 268 -30.04 -5.87 -2.13
CA ILE B 268 -29.46 -6.51 -0.95
C ILE B 268 -27.95 -6.64 -1.01
N ARG B 269 -27.29 -6.28 0.07
CA ARG B 269 -25.86 -6.42 0.18
C ARG B 269 -25.47 -7.43 1.24
N ASN B 270 -24.39 -8.14 0.99
CA ASN B 270 -23.83 -9.06 1.95
C ASN B 270 -22.58 -8.42 2.51
N VAL B 271 -22.66 -7.90 3.72
CA VAL B 271 -21.53 -7.18 4.26
C VAL B 271 -21.04 -7.78 5.56
N LEU B 272 -19.83 -7.43 5.94
CA LEU B 272 -19.32 -7.94 7.19
C LEU B 272 -19.60 -7.02 8.36
N LYS B 273 -19.48 -7.57 9.56
CA LYS B 273 -19.66 -6.81 10.77
C LYS B 273 -18.69 -7.26 11.86
N PHE B 274 -18.04 -6.30 12.51
CA PHE B 274 -17.14 -6.63 13.61
C PHE B 274 -17.84 -6.42 14.93
N GLU B 275 -17.53 -7.28 15.88
CA GLU B 275 -18.07 -7.16 17.22
C GLU B 275 -16.92 -7.01 18.20
N GLY B 276 -17.19 -6.30 19.28
CA GLY B 276 -16.22 -6.02 20.31
C GLY B 276 -15.91 -4.53 20.33
N ASP B 277 -15.45 -4.04 21.47
CA ASP B 277 -15.13 -2.62 21.62
C ASP B 277 -13.69 -2.39 21.24
N THR B 278 -13.49 -1.81 20.07
CA THR B 278 -12.15 -1.60 19.54
C THR B 278 -11.61 -0.21 19.82
N ARG B 279 -12.36 0.61 20.56
CA ARG B 279 -11.96 1.99 20.77
C ARG B 279 -10.75 2.11 21.67
N GLU B 280 -10.53 1.11 22.49
CA GLU B 280 -9.37 1.11 23.35
C GLU B 280 -8.10 0.92 22.55
N LEU B 281 -8.18 0.08 21.53
CA LEU B 281 -7.02 -0.12 20.68
C LEU B 281 -6.75 1.13 19.88
N ASP B 282 -7.82 1.81 19.47
CA ASP B 282 -7.67 3.06 18.75
C ASP B 282 -6.95 4.07 19.60
N ARG B 283 -7.31 4.15 20.87
CA ARG B 283 -6.64 5.03 21.81
C ARG B 283 -5.19 4.62 22.00
N THR B 284 -4.98 3.33 22.14
CA THR B 284 -3.65 2.77 22.33
C THR B 284 -2.71 3.14 21.20
N LEU B 285 -3.20 3.06 19.98
CA LEU B 285 -2.39 3.36 18.81
C LEU B 285 -2.68 4.73 18.21
N SER B 286 -3.29 5.63 18.96
CA SER B 286 -3.68 6.93 18.44
C SER B 286 -2.54 7.86 18.04
N GLY B 287 -1.34 7.60 18.52
CA GLY B 287 -0.22 8.46 18.18
C GLY B 287 0.64 7.95 17.01
N TYR B 288 0.18 6.93 16.31
CA TYR B 288 1.00 6.40 15.22
C TYR B 288 0.49 6.75 13.84
N GLU B 289 1.42 6.81 12.88
CA GLU B 289 1.10 7.03 11.48
C GLU B 289 0.44 5.80 10.91
N GLU B 290 -0.59 6.00 10.11
CA GLU B 290 -1.32 4.87 9.55
C GLU B 290 -1.05 4.64 8.08
N TYR B 291 -1.08 3.38 7.70
CA TYR B 291 -0.95 2.93 6.34
C TYR B 291 -2.30 2.39 5.93
N PRO B 292 -2.87 2.84 4.81
CA PRO B 292 -4.20 2.51 4.33
C PRO B 292 -4.32 1.08 3.88
N THR B 293 -5.55 0.59 3.92
CA THR B 293 -5.85 -0.78 3.53
C THR B 293 -6.56 -0.79 2.19
N TYR B 294 -6.19 0.17 1.36
CA TYR B 294 -6.76 0.33 0.05
C TYR B 294 -6.18 -0.69 -0.90
N VAL B 295 -6.86 -0.89 -2.01
CA VAL B 295 -6.32 -1.77 -3.04
C VAL B 295 -6.25 -1.04 -4.37
N PRO B 296 -5.16 -0.33 -4.64
CA PRO B 296 -4.83 0.42 -5.84
C PRO B 296 -4.69 -0.49 -7.03
N LEU B 297 -4.89 0.07 -8.21
CA LEU B 297 -4.78 -0.67 -9.46
C LEU B 297 -3.34 -0.72 -10.01
N PHE B 298 -2.74 -1.91 -9.99
CA PHE B 298 -1.42 -2.17 -10.55
C PHE B 298 -1.34 -3.24 -11.63
N LEU B 299 -0.71 -2.86 -12.74
CA LEU B 299 -0.45 -3.75 -13.85
C LEU B 299 0.41 -3.07 -14.91
N GLY B 300 1.58 -3.61 -15.17
CA GLY B 300 2.36 -3.12 -16.30
C GLY B 300 3.79 -2.68 -16.05
N TYR B 301 4.42 -2.31 -17.16
CA TYR B 301 5.78 -1.83 -17.22
C TYR B 301 5.79 -0.54 -18.01
N GLN B 302 6.02 0.56 -17.33
CA GLN B 302 6.05 1.86 -17.98
C GLN B 302 7.49 2.27 -18.18
N ILE B 303 7.81 2.76 -19.36
CA ILE B 303 9.17 3.16 -19.67
C ILE B 303 9.23 4.59 -20.14
N ILE B 304 10.06 5.37 -19.48
CA ILE B 304 10.18 6.79 -19.80
C ILE B 304 11.46 7.07 -20.59
N ASN B 305 11.29 7.70 -21.73
CA ASN B 305 12.40 8.06 -22.60
C ASN B 305 13.25 9.12 -21.95
N SER B 306 14.56 9.01 -22.11
CA SER B 306 15.48 9.97 -21.50
C SER B 306 15.28 11.39 -22.01
N GLU B 307 14.71 11.53 -23.20
CA GLU B 307 14.44 12.83 -23.81
C GLU B 307 12.99 13.24 -23.69
N ASN B 308 12.31 12.75 -22.67
CA ASN B 308 10.90 13.01 -22.49
C ASN B 308 10.53 14.44 -22.12
N ASN B 309 9.23 14.68 -22.13
CA ASN B 309 8.63 15.93 -21.67
C ASN B 309 7.52 15.52 -20.73
N PHE B 310 7.86 14.55 -19.91
CA PHE B 310 6.95 13.88 -19.01
C PHE B 310 6.26 14.79 -18.03
N LEU B 311 6.93 15.86 -17.63
CA LEU B 311 6.41 16.72 -16.59
C LEU B 311 5.52 17.85 -17.10
N ARG B 312 5.09 17.80 -18.36
CA ARG B 312 4.17 18.82 -18.86
C ARG B 312 2.83 18.69 -18.16
N ASN B 313 2.19 19.83 -17.91
CA ASN B 313 0.91 19.84 -17.20
C ASN B 313 -0.30 19.83 -18.12
N ASP B 314 -0.08 19.62 -19.40
CA ASP B 314 -1.17 19.56 -20.36
C ASP B 314 -1.61 18.13 -20.57
N PHE B 315 -2.55 17.94 -21.47
CA PHE B 315 -2.97 16.59 -21.80
C PHE B 315 -2.58 16.20 -23.19
N ILE B 316 -1.84 15.13 -23.29
CA ILE B 316 -1.44 14.60 -24.56
C ILE B 316 -1.81 13.14 -24.64
N PRO B 317 -2.63 12.73 -25.60
CA PRO B 317 -3.04 11.37 -25.86
C PRO B 317 -1.89 10.59 -26.46
N ARG B 318 -0.94 10.28 -25.60
CA ARG B 318 0.26 9.53 -25.93
C ARG B 318 -0.06 8.12 -26.34
N ALA B 319 0.84 7.50 -27.07
CA ALA B 319 0.55 6.13 -27.49
C ALA B 319 1.80 5.36 -27.89
N ASN B 320 1.72 4.04 -27.77
CA ASN B 320 2.82 3.18 -28.17
C ASN B 320 2.91 3.14 -29.70
N PRO B 321 4.11 3.24 -30.25
CA PRO B 321 4.45 3.16 -31.66
C PRO B 321 4.67 1.72 -32.09
#